data_9QD8
#
_entry.id   9QD8
#
_cell.length_a   48.919
_cell.length_b   48.919
_cell.length_c   196.163
_cell.angle_alpha   90
_cell.angle_beta   90
_cell.angle_gamma   120
#
_symmetry.space_group_name_H-M   'P 32 2 1'
#
loop_
_entity.id
_entity.type
_entity.pdbx_description
1 polymer 'Peptidyl-prolyl cis-trans isomerase FKBP5'
2 non-polymer (2~{S},9~{S},12~{S})-2-cyclohexyl-19,22-dimethoxy-12-methyl-11,14,17-trioxa-4-azatricyclo[16.2.2.0^{4,9}]docosa-1(21),18(22),19-triene-3,10-dione
3 water water
#
_entity_poly.entity_id   1
_entity_poly.type   'polypeptide(L)'
_entity_poly.pdbx_seq_one_letter_code
;GAPATVTEQGEDITSKKDRGVLKIVKRVGNGEETPMIGDKVYVHYKGKLSNGKKFDSSHDRNEPFVFSLGKGQVIKAWDI
GVATMKKGEIAHLLIKPEYAYGSAGSLPKIPSNATLFFEIELLDFKGE
;
_entity_poly.pdbx_strand_id   B,A
#
# COMPACT_ATOMS: atom_id res chain seq x y z
N GLY A 1 -0.08 19.34 -18.95
CA GLY A 1 0.09 18.08 -19.69
C GLY A 1 -0.81 17.01 -19.09
N ALA A 2 -0.45 15.77 -19.40
CA ALA A 2 -1.44 14.71 -19.42
C ALA A 2 -2.16 14.57 -18.07
N PRO A 3 -1.46 14.56 -16.90
CA PRO A 3 -2.17 14.44 -15.62
C PRO A 3 -3.27 15.52 -15.39
N ALA A 4 -2.97 16.79 -15.66
CA ALA A 4 -3.95 17.87 -15.49
C ALA A 4 -5.13 17.72 -16.47
N THR A 5 -4.81 17.31 -17.70
CA THR A 5 -5.84 17.12 -18.70
C THR A 5 -6.80 16.05 -18.20
N VAL A 6 -6.28 15.02 -17.51
CA VAL A 6 -7.17 13.98 -17.02
C VAL A 6 -8.02 14.52 -15.88
N THR A 7 -7.43 15.33 -14.98
CA THR A 7 -8.16 15.98 -13.88
C THR A 7 -9.35 16.78 -14.42
N GLU A 8 -9.09 17.55 -15.47
CA GLU A 8 -10.10 18.46 -15.98
C GLU A 8 -11.14 17.76 -16.85
N GLN A 9 -10.72 16.73 -17.59
CA GLN A 9 -11.57 16.21 -18.65
C GLN A 9 -11.82 14.72 -18.51
N GLY A 10 -11.23 14.09 -17.47
CA GLY A 10 -11.37 12.66 -17.42
C GLY A 10 -12.79 12.24 -17.05
N GLU A 11 -13.18 11.03 -17.46
CA GLU A 11 -14.43 10.44 -16.98
C GLU A 11 -14.16 9.72 -15.64
N ASP A 12 -15.06 9.88 -14.66
CA ASP A 12 -15.02 9.17 -13.40
C ASP A 12 -15.57 7.76 -13.55
N ILE A 13 -14.68 6.75 -13.53
CA ILE A 13 -15.10 5.36 -13.70
C ILE A 13 -15.26 4.59 -12.41
N THR A 14 -15.35 5.29 -11.27
CA THR A 14 -15.56 4.63 -9.96
C THR A 14 -17.05 4.36 -9.74
N SER A 15 -17.38 3.30 -8.97
CA SER A 15 -18.75 2.96 -8.63
C SER A 15 -19.31 3.99 -7.67
N LYS A 16 -18.41 4.47 -6.82
CA LYS A 16 -18.74 5.44 -5.80
C LYS A 16 -18.87 6.83 -6.37
N LYS A 17 -18.37 7.09 -7.58
CA LYS A 17 -18.36 8.45 -8.14
C LYS A 17 -17.64 9.40 -7.16
N ASP A 18 -16.47 8.96 -6.69
CA ASP A 18 -15.63 9.78 -5.84
C ASP A 18 -14.42 10.32 -6.60
N ARG A 19 -14.40 10.23 -7.94
CA ARG A 19 -13.27 10.67 -8.78
C ARG A 19 -11.93 10.06 -8.38
N GLY A 20 -11.96 8.82 -7.87
CA GLY A 20 -10.75 8.15 -7.45
C GLY A 20 -9.94 7.65 -8.65
N VAL A 21 -10.66 7.38 -9.75
CA VAL A 21 -10.06 6.88 -10.97
C VAL A 21 -10.66 7.71 -12.09
N LEU A 22 -9.84 8.52 -12.75
CA LEU A 22 -10.29 9.27 -13.93
C LEU A 22 -9.64 8.73 -15.20
N LYS A 23 -10.42 8.64 -16.32
CA LYS A 23 -9.96 8.06 -17.55
C LYS A 23 -10.16 9.00 -18.73
N ILE A 24 -9.20 9.00 -19.66
CA ILE A 24 -9.44 9.44 -21.03
C ILE A 24 -8.99 8.35 -21.98
N VAL A 25 -9.83 8.10 -22.99
CA VAL A 25 -9.41 7.26 -24.09
C VAL A 25 -8.50 8.11 -24.98
N LYS A 26 -7.29 7.62 -25.24
CA LYS A 26 -6.40 8.32 -26.16
C LYS A 26 -6.53 7.74 -27.55
N ARG A 27 -6.48 6.41 -27.71
CA ARG A 27 -6.76 5.79 -29.01
C ARG A 27 -7.82 4.70 -28.86
N VAL A 28 -8.77 4.63 -29.82
CA VAL A 28 -9.89 3.70 -29.76
C VAL A 28 -9.41 2.30 -30.10
N GLY A 29 -9.95 1.28 -29.36
CA GLY A 29 -9.68 -0.13 -29.57
C GLY A 29 -10.68 -0.77 -30.55
N ASN A 30 -10.60 -2.09 -30.71
CA ASN A 30 -11.35 -2.82 -31.74
C ASN A 30 -12.44 -3.69 -31.15
N GLY A 31 -13.62 -3.62 -31.76
CA GLY A 31 -14.77 -4.36 -31.28
C GLY A 31 -15.19 -3.83 -29.91
N GLU A 32 -16.10 -4.56 -29.27
CA GLU A 32 -16.86 -4.02 -28.16
C GLU A 32 -16.83 -4.92 -26.92
N GLU A 33 -16.09 -6.04 -26.93
CA GLU A 33 -15.93 -6.83 -25.71
C GLU A 33 -14.84 -6.13 -24.88
N THR A 34 -15.16 -5.80 -23.61
CA THR A 34 -14.13 -5.48 -22.63
C THR A 34 -13.87 -6.76 -21.84
N PRO A 35 -12.75 -6.86 -21.11
CA PRO A 35 -12.48 -8.10 -20.40
C PRO A 35 -13.42 -8.27 -19.21
N MET A 36 -13.61 -9.57 -18.89
CA MET A 36 -14.39 -9.97 -17.75
C MET A 36 -13.41 -10.27 -16.63
N ILE A 37 -13.91 -10.13 -15.41
CA ILE A 37 -13.12 -10.49 -14.25
C ILE A 37 -12.67 -11.93 -14.36
N GLY A 38 -11.40 -12.19 -14.07
CA GLY A 38 -10.81 -13.51 -14.26
C GLY A 38 -9.98 -13.65 -15.54
N ASP A 39 -10.14 -12.74 -16.50
CA ASP A 39 -9.44 -12.83 -17.79
C ASP A 39 -7.95 -12.57 -17.53
N LYS A 40 -7.04 -13.29 -18.20
CA LYS A 40 -5.61 -12.99 -18.22
C LYS A 40 -5.41 -11.86 -19.23
N VAL A 41 -4.78 -10.75 -18.80
CA VAL A 41 -4.69 -9.54 -19.61
C VAL A 41 -3.23 -9.15 -19.87
N TYR A 42 -3.02 -8.54 -21.04
CA TYR A 42 -1.70 -8.23 -21.54
C TYR A 42 -1.65 -6.75 -21.89
N VAL A 43 -0.76 -5.98 -21.24
CA VAL A 43 -0.68 -4.54 -21.49
C VAL A 43 0.78 -4.10 -21.67
N HIS A 44 0.97 -2.95 -22.31
CA HIS A 44 2.11 -2.06 -22.14
C HIS A 44 1.68 -0.80 -21.42
N TYR A 45 2.57 -0.26 -20.59
CA TYR A 45 2.23 0.89 -19.75
C TYR A 45 3.49 1.70 -19.50
N LYS A 46 3.23 2.99 -19.27
CA LYS A 46 4.12 3.99 -18.75
C LYS A 46 3.44 4.67 -17.59
N GLY A 47 4.12 4.75 -16.45
CA GLY A 47 3.53 5.26 -15.22
C GLY A 47 4.47 6.25 -14.55
N LYS A 48 3.92 6.99 -13.61
CA LYS A 48 4.69 7.91 -12.80
C LYS A 48 3.82 8.41 -11.65
N LEU A 49 4.49 8.96 -10.63
CA LEU A 49 3.84 9.82 -9.66
C LEU A 49 3.35 11.07 -10.39
N SER A 50 2.15 11.48 -10.01
CA SER A 50 1.54 12.68 -10.55
C SER A 50 2.52 13.87 -10.43
N ASN A 51 3.23 13.97 -9.30
CA ASN A 51 4.37 14.87 -9.08
C ASN A 51 5.36 14.89 -10.25
N GLY A 52 5.44 13.79 -11.04
CA GLY A 52 6.42 13.60 -12.10
C GLY A 52 7.76 13.07 -11.59
N LYS A 53 7.88 12.80 -10.26
CA LYS A 53 9.20 12.67 -9.64
C LYS A 53 9.78 11.25 -9.78
N LYS A 54 8.98 10.19 -9.99
CA LYS A 54 9.45 8.84 -10.38
C LYS A 54 8.57 8.34 -11.54
N PHE A 55 9.06 7.40 -12.37
CA PHE A 55 8.58 7.07 -13.71
C PHE A 55 8.93 5.62 -14.04
N ASP A 56 8.11 4.92 -14.82
CA ASP A 56 8.23 3.47 -14.84
C ASP A 56 7.51 2.93 -16.06
N SER A 57 8.16 2.01 -16.78
CA SER A 57 7.58 1.49 -18.00
C SER A 57 7.78 -0.02 -18.12
N SER A 58 6.75 -0.69 -18.65
CA SER A 58 6.87 -2.07 -19.09
C SER A 58 8.03 -2.23 -20.07
N HIS A 59 8.29 -1.22 -20.93
CA HIS A 59 9.35 -1.30 -21.95
C HIS A 59 10.74 -1.49 -21.34
N ASP A 60 10.93 -0.97 -20.13
CA ASP A 60 12.12 -1.21 -19.31
C ASP A 60 12.39 -2.71 -19.09
N ARG A 61 11.38 -3.60 -19.02
CA ARG A 61 11.64 -5.04 -18.99
C ARG A 61 11.71 -5.62 -20.41
N ASN A 62 11.23 -4.86 -21.41
CA ASN A 62 11.31 -5.27 -22.81
C ASN A 62 10.35 -6.47 -23.02
N GLU A 63 9.08 -6.34 -22.56
CA GLU A 63 8.08 -7.42 -22.62
C GLU A 63 6.77 -6.89 -22.03
N PRO A 64 5.60 -7.39 -22.47
CA PRO A 64 4.32 -6.95 -21.93
C PRO A 64 4.14 -7.37 -20.48
N PHE A 65 3.36 -6.57 -19.73
CA PHE A 65 2.94 -6.83 -18.36
C PHE A 65 1.64 -7.63 -18.39
N VAL A 66 1.69 -8.76 -17.68
CA VAL A 66 0.60 -9.72 -17.66
C VAL A 66 0.08 -9.82 -16.22
N PHE A 67 -1.26 -9.82 -16.06
CA PHE A 67 -1.91 -10.14 -14.80
C PHE A 67 -3.35 -10.62 -15.04
N SER A 68 -4.01 -11.10 -13.98
CA SER A 68 -5.35 -11.69 -14.06
C SER A 68 -6.31 -10.66 -13.52
N LEU A 69 -7.30 -10.27 -14.32
CA LEU A 69 -8.11 -9.12 -13.98
C LEU A 69 -9.06 -9.38 -12.81
N GLY A 70 -9.04 -8.38 -11.90
CA GLY A 70 -9.94 -8.27 -10.77
C GLY A 70 -9.68 -9.33 -9.69
N LYS A 71 -8.45 -9.87 -9.64
CA LYS A 71 -8.01 -10.80 -8.62
C LYS A 71 -7.07 -10.02 -7.69
N GLY A 72 -7.17 -8.67 -7.64
CA GLY A 72 -6.23 -7.76 -6.96
C GLY A 72 -4.74 -8.15 -7.01
N GLN A 73 -4.19 -8.55 -8.17
CA GLN A 73 -2.76 -8.72 -8.33
C GLN A 73 -2.13 -7.38 -8.73
N VAL A 74 -2.93 -6.31 -8.87
CA VAL A 74 -2.47 -4.99 -9.22
C VAL A 74 -3.27 -4.01 -8.38
N ILE A 75 -2.97 -2.71 -8.43
CA ILE A 75 -3.75 -1.77 -7.63
C ILE A 75 -5.21 -1.79 -8.09
N LYS A 76 -6.18 -1.46 -7.20
CA LYS A 76 -7.63 -1.41 -7.45
C LYS A 76 -7.97 -0.60 -8.71
N ALA A 77 -7.31 0.54 -8.94
CA ALA A 77 -7.50 1.38 -10.12
C ALA A 77 -7.23 0.65 -11.42
N TRP A 78 -6.29 -0.25 -11.42
CA TRP A 78 -6.02 -1.04 -12.62
C TRP A 78 -7.10 -2.09 -12.82
N ASP A 79 -7.53 -2.76 -11.75
CA ASP A 79 -8.60 -3.75 -11.82
C ASP A 79 -9.87 -3.06 -12.38
N ILE A 80 -10.13 -1.84 -11.94
CA ILE A 80 -11.23 -1.00 -12.41
C ILE A 80 -11.02 -0.56 -13.87
N GLY A 81 -9.89 0.13 -14.12
CA GLY A 81 -9.66 0.83 -15.38
C GLY A 81 -9.52 -0.11 -16.57
N VAL A 82 -8.72 -1.16 -16.36
CA VAL A 82 -8.44 -2.06 -17.44
C VAL A 82 -9.72 -2.78 -17.83
N ALA A 83 -10.62 -3.04 -16.86
CA ALA A 83 -11.88 -3.69 -17.13
C ALA A 83 -12.70 -2.88 -18.13
N THR A 84 -12.44 -1.57 -18.25
CA THR A 84 -13.24 -0.74 -19.13
C THR A 84 -12.66 -0.70 -20.53
N MET A 85 -11.51 -1.32 -20.80
CA MET A 85 -10.83 -1.03 -22.06
C MET A 85 -11.11 -2.11 -23.12
N LYS A 86 -11.14 -1.72 -24.42
CA LYS A 86 -11.30 -2.63 -25.56
C LYS A 86 -9.88 -2.96 -26.09
N LYS A 87 -9.75 -4.05 -26.84
CA LYS A 87 -8.47 -4.52 -27.35
C LYS A 87 -7.86 -3.48 -28.28
N GLY A 88 -6.59 -3.15 -28.04
CA GLY A 88 -5.87 -2.18 -28.85
C GLY A 88 -6.05 -0.73 -28.38
N GLU A 89 -6.95 -0.53 -27.40
CA GLU A 89 -7.14 0.78 -26.78
C GLU A 89 -5.92 1.26 -25.99
N ILE A 90 -5.79 2.59 -26.02
CA ILE A 90 -4.88 3.31 -25.15
C ILE A 90 -5.67 4.29 -24.33
N ALA A 91 -5.38 4.29 -23.01
CA ALA A 91 -6.06 5.22 -22.10
C ALA A 91 -5.07 5.86 -21.12
N HIS A 92 -5.44 7.07 -20.68
CA HIS A 92 -4.80 7.77 -19.58
C HIS A 92 -5.65 7.56 -18.32
N LEU A 93 -5.00 7.12 -17.21
CA LEU A 93 -5.63 7.03 -15.90
C LEU A 93 -4.92 7.99 -14.91
N LEU A 94 -5.72 8.72 -14.15
CA LEU A 94 -5.24 9.48 -13.01
C LEU A 94 -5.94 8.94 -11.77
N ILE A 95 -5.14 8.64 -10.72
CA ILE A 95 -5.57 7.77 -9.64
C ILE A 95 -5.28 8.38 -8.28
N LYS A 96 -6.34 8.54 -7.47
CA LYS A 96 -6.13 8.99 -6.11
C LYS A 96 -5.56 7.86 -5.26
N PRO A 97 -4.99 8.19 -4.08
CA PRO A 97 -4.30 7.22 -3.25
C PRO A 97 -5.20 6.06 -2.84
N GLU A 98 -6.49 6.33 -2.61
CA GLU A 98 -7.45 5.34 -2.19
C GLU A 98 -7.59 4.23 -3.20
N TYR A 99 -7.22 4.42 -4.48
CA TYR A 99 -7.28 3.36 -5.48
C TYR A 99 -5.86 2.91 -5.90
N ALA A 100 -4.85 3.28 -5.09
CA ALA A 100 -3.47 2.90 -5.34
C ALA A 100 -2.83 2.36 -4.06
N TYR A 101 -1.93 3.11 -3.39
CA TYR A 101 -1.18 2.55 -2.25
C TYR A 101 -1.59 3.16 -0.90
N GLY A 102 -2.57 4.10 -0.97
CA GLY A 102 -3.22 4.64 0.22
C GLY A 102 -2.28 5.47 1.09
N SER A 103 -2.73 5.75 2.30
CA SER A 103 -1.94 6.56 3.21
C SER A 103 -0.75 5.77 3.74
N ALA A 104 -0.77 4.44 3.59
CA ALA A 104 0.40 3.66 4.00
C ALA A 104 1.53 3.83 2.98
N GLY A 105 1.17 3.98 1.68
CA GLY A 105 2.14 4.08 0.58
C GLY A 105 2.87 2.74 0.43
N SER A 106 4.01 2.74 -0.27
CA SER A 106 4.74 1.53 -0.56
C SER A 106 6.20 1.88 -0.80
N LEU A 107 6.90 2.22 0.27
CA LEU A 107 8.22 2.78 0.20
C LEU A 107 9.20 1.63 -0.07
N PRO A 108 10.37 1.96 -0.66
CA PRO A 108 10.72 3.31 -1.04
C PRO A 108 10.09 3.85 -2.32
N LYS A 109 9.42 3.03 -3.12
CA LYS A 109 8.95 3.52 -4.42
C LYS A 109 7.80 4.52 -4.29
N ILE A 110 6.84 4.27 -3.42
CA ILE A 110 5.62 5.08 -3.41
C ILE A 110 5.46 5.73 -2.05
N PRO A 111 5.45 7.08 -1.96
CA PRO A 111 5.17 7.72 -0.68
C PRO A 111 3.69 7.66 -0.30
N SER A 112 3.48 8.06 0.95
CA SER A 112 2.16 8.16 1.54
C SER A 112 1.26 9.04 0.67
N ASN A 113 0.02 8.65 0.47
CA ASN A 113 -0.97 9.54 -0.16
C ASN A 113 -0.60 9.99 -1.58
N ALA A 114 0.01 9.10 -2.39
CA ALA A 114 0.51 9.49 -3.71
C ALA A 114 -0.62 9.36 -4.75
N THR A 115 -0.75 10.39 -5.57
CA THR A 115 -1.52 10.31 -6.84
C THR A 115 -0.62 9.81 -7.97
N LEU A 116 -1.11 8.79 -8.71
CA LEU A 116 -0.42 8.12 -9.81
C LEU A 116 -1.11 8.42 -11.13
N PHE A 117 -0.29 8.51 -12.19
CA PHE A 117 -0.71 8.62 -13.59
C PHE A 117 -0.16 7.44 -14.40
N PHE A 118 -1.03 6.85 -15.21
CA PHE A 118 -0.57 5.87 -16.20
C PHE A 118 -1.09 6.15 -17.60
N GLU A 119 -0.27 5.81 -18.58
CA GLU A 119 -0.75 5.53 -19.93
C GLU A 119 -0.68 4.02 -20.12
N ILE A 120 -1.82 3.45 -20.51
CA ILE A 120 -1.99 2.00 -20.65
C ILE A 120 -2.44 1.67 -22.07
N GLU A 121 -1.71 0.76 -22.75
CA GLU A 121 -2.25 0.11 -23.94
C GLU A 121 -2.67 -1.34 -23.63
N LEU A 122 -3.92 -1.69 -23.91
CA LEU A 122 -4.40 -3.07 -23.80
C LEU A 122 -4.13 -3.84 -25.09
N LEU A 123 -3.23 -4.83 -24.98
CA LEU A 123 -2.77 -5.55 -26.16
C LEU A 123 -3.75 -6.69 -26.45
N ASP A 124 -4.06 -7.46 -25.40
CA ASP A 124 -4.93 -8.62 -25.55
C ASP A 124 -5.47 -9.09 -24.19
N PHE A 125 -6.56 -9.89 -24.21
CA PHE A 125 -7.05 -10.59 -23.03
C PHE A 125 -7.70 -11.93 -23.39
N LYS A 126 -7.44 -12.93 -22.56
CA LYS A 126 -7.77 -14.34 -22.82
C LYS A 126 -8.52 -14.84 -21.59
N GLY A 127 -9.55 -15.65 -21.78
CA GLY A 127 -10.32 -16.25 -20.68
C GLY A 127 -9.60 -17.43 -20.02
N GLU A 128 -8.64 -17.11 -19.12
CA GLU A 128 -7.92 -18.08 -18.31
C GLU A 128 -8.88 -19.20 -17.94
N GLY B 1 12.47 6.59 29.12
CA GLY B 1 11.15 6.27 28.57
C GLY B 1 11.19 4.98 27.74
N ALA B 2 10.00 4.44 27.48
CA ALA B 2 9.85 3.26 26.66
C ALA B 2 10.67 3.37 25.36
N PRO B 3 10.55 4.48 24.60
CA PRO B 3 11.36 4.73 23.41
C PRO B 3 12.87 4.47 23.60
N ALA B 4 13.46 5.06 24.64
CA ALA B 4 14.89 4.97 24.89
C ALA B 4 15.27 3.52 25.17
N THR B 5 14.44 2.84 25.94
CA THR B 5 14.73 1.46 26.31
C THR B 5 14.81 0.65 25.02
N VAL B 6 13.94 0.93 24.06
CA VAL B 6 13.97 0.20 22.80
C VAL B 6 15.23 0.53 22.00
N THR B 7 15.60 1.82 21.90
CA THR B 7 16.82 2.29 21.26
C THR B 7 18.03 1.55 21.82
N GLU B 8 18.10 1.41 23.15
CA GLU B 8 19.28 0.85 23.80
C GLU B 8 19.31 -0.68 23.71
N GLN B 9 18.16 -1.33 23.88
CA GLN B 9 18.14 -2.77 24.09
C GLN B 9 17.28 -3.51 23.08
N GLY B 10 16.65 -2.81 22.15
CA GLY B 10 15.70 -3.46 21.28
C GLY B 10 16.45 -4.35 20.28
N GLU B 11 15.79 -5.41 19.82
CA GLU B 11 16.33 -6.30 18.82
C GLU B 11 16.04 -5.71 17.43
N ASP B 12 17.07 -5.76 16.57
CA ASP B 12 16.98 -5.28 15.21
C ASP B 12 16.37 -6.35 14.35
N ILE B 13 15.10 -6.14 13.93
CA ILE B 13 14.38 -7.22 13.25
C ILE B 13 14.33 -6.94 11.74
N THR B 14 15.15 -6.00 11.24
CA THR B 14 15.24 -5.73 9.82
C THR B 14 16.12 -6.79 9.15
N SER B 15 15.78 -7.13 7.88
CA SER B 15 16.59 -8.06 7.06
C SER B 15 17.95 -7.45 6.75
N LYS B 16 17.93 -6.13 6.57
CA LYS B 16 19.10 -5.32 6.29
C LYS B 16 20.02 -5.11 7.50
N LYS B 17 19.52 -5.33 8.73
CA LYS B 17 20.28 -5.00 9.93
C LYS B 17 20.67 -3.52 9.92
N ASP B 18 19.72 -2.64 9.56
CA ASP B 18 20.00 -1.21 9.61
C ASP B 18 19.32 -0.51 10.79
N ARG B 19 18.84 -1.28 11.78
CA ARG B 19 18.20 -0.76 13.00
C ARG B 19 16.94 0.05 12.68
N GLY B 20 16.29 -0.20 11.53
CA GLY B 20 15.14 0.58 11.13
C GLY B 20 13.91 0.26 11.96
N VAL B 21 13.88 -0.95 12.50
CA VAL B 21 12.74 -1.45 13.24
C VAL B 21 13.35 -2.18 14.43
N LEU B 22 13.17 -1.60 15.62
CA LEU B 22 13.65 -2.20 16.85
C LEU B 22 12.49 -2.73 17.69
N LYS B 23 12.65 -3.92 18.29
CA LYS B 23 11.54 -4.56 19.02
C LYS B 23 11.96 -5.03 20.39
N ILE B 24 11.05 -4.87 21.36
CA ILE B 24 11.13 -5.53 22.66
C ILE B 24 9.79 -6.20 22.90
N VAL B 25 9.86 -7.44 23.38
CA VAL B 25 8.65 -8.11 23.79
C VAL B 25 8.35 -7.62 25.21
N LYS B 26 7.17 -7.05 25.43
CA LYS B 26 6.82 -6.62 26.79
C LYS B 26 6.11 -7.72 27.53
N ARG B 27 5.29 -8.52 26.85
CA ARG B 27 4.62 -9.66 27.45
C ARG B 27 4.61 -10.81 26.45
N VAL B 28 4.92 -12.02 26.89
CA VAL B 28 5.11 -13.15 25.98
C VAL B 28 3.71 -13.64 25.56
N GLY B 29 3.59 -14.12 24.30
CA GLY B 29 2.33 -14.69 23.82
C GLY B 29 2.29 -16.21 24.02
N ASN B 30 1.29 -16.84 23.40
CA ASN B 30 1.00 -18.26 23.57
C ASN B 30 1.30 -19.02 22.28
N GLY B 31 2.00 -20.14 22.39
CA GLY B 31 2.19 -21.08 21.30
C GLY B 31 3.46 -20.74 20.55
N GLU B 32 3.64 -21.37 19.39
CA GLU B 32 4.80 -21.08 18.55
C GLU B 32 4.39 -20.23 17.34
N GLU B 33 3.15 -20.36 16.85
CA GLU B 33 2.78 -19.81 15.56
C GLU B 33 2.85 -18.28 15.57
N THR B 34 3.35 -17.74 14.46
CA THR B 34 3.24 -16.33 14.18
C THR B 34 2.58 -16.18 12.82
N PRO B 35 1.99 -15.02 12.49
CA PRO B 35 1.16 -14.96 11.31
C PRO B 35 1.97 -15.00 10.02
N MET B 36 1.32 -15.51 8.96
CA MET B 36 1.87 -15.57 7.62
C MET B 36 1.29 -14.40 6.82
N ILE B 37 2.01 -14.07 5.77
CA ILE B 37 1.55 -13.11 4.81
C ILE B 37 0.17 -13.51 4.33
N GLY B 38 -0.71 -12.51 4.21
CA GLY B 38 -2.10 -12.72 3.84
C GLY B 38 -3.03 -13.06 5.01
N ASP B 39 -2.50 -13.37 6.21
CA ASP B 39 -3.36 -13.70 7.35
C ASP B 39 -4.07 -12.41 7.76
N LYS B 40 -5.32 -12.59 8.22
CA LYS B 40 -6.04 -11.49 8.82
C LYS B 40 -5.61 -11.35 10.27
N VAL B 41 -5.12 -10.17 10.65
CA VAL B 41 -4.60 -10.00 12.00
C VAL B 41 -5.41 -8.94 12.77
N TYR B 42 -5.60 -9.22 14.07
CA TYR B 42 -6.32 -8.32 14.96
C TYR B 42 -5.40 -7.85 16.09
N VAL B 43 -5.32 -6.53 16.29
CA VAL B 43 -4.43 -5.96 17.29
C VAL B 43 -5.15 -4.86 18.07
N HIS B 44 -4.72 -4.60 19.30
CA HIS B 44 -4.83 -3.28 19.91
C HIS B 44 -3.47 -2.61 19.91
N TYR B 45 -3.44 -1.29 19.81
CA TYR B 45 -2.20 -0.54 19.77
C TYR B 45 -2.40 0.88 20.32
N LYS B 46 -1.27 1.44 20.74
CA LYS B 46 -1.09 2.84 20.97
C LYS B 46 0.22 3.25 20.32
N GLY B 47 0.17 4.42 19.71
CA GLY B 47 1.27 4.89 18.91
C GLY B 47 1.55 6.36 19.20
N LYS B 48 2.77 6.81 18.92
CA LYS B 48 3.10 8.21 18.97
C LYS B 48 4.33 8.51 18.13
N LEU B 49 4.50 9.81 17.85
CA LEU B 49 5.75 10.32 17.33
C LEU B 49 6.77 10.33 18.47
N SER B 50 8.04 10.06 18.16
CA SER B 50 9.13 10.22 19.11
C SER B 50 9.05 11.53 19.89
N ASN B 51 8.76 12.62 19.19
CA ASN B 51 8.49 13.93 19.76
C ASN B 51 7.30 13.94 20.72
N GLY B 52 6.58 12.82 20.92
CA GLY B 52 5.33 12.76 21.69
C GLY B 52 4.34 13.87 21.32
N LYS B 53 4.33 14.24 20.03
CA LYS B 53 3.68 15.48 19.62
C LYS B 53 2.24 15.15 19.20
N LYS B 54 2.04 13.92 18.66
CA LYS B 54 0.75 13.32 18.37
C LYS B 54 0.77 11.92 19.00
N PHE B 55 -0.42 11.40 19.32
CA PHE B 55 -0.64 10.13 20.01
C PHE B 55 -1.87 9.49 19.37
N ASP B 56 -1.95 8.17 19.36
CA ASP B 56 -3.06 7.49 18.72
C ASP B 56 -3.35 6.16 19.40
N SER B 57 -4.64 5.83 19.54
CA SER B 57 -5.02 4.57 20.16
C SER B 57 -6.17 3.85 19.41
N SER B 58 -6.01 2.53 19.21
CA SER B 58 -7.15 1.66 18.94
C SER B 58 -8.17 1.73 20.09
N HIS B 59 -7.70 1.79 21.35
CA HIS B 59 -8.56 1.90 22.51
C HIS B 59 -9.50 3.11 22.41
N ASP B 60 -9.23 4.08 21.52
CA ASP B 60 -10.14 5.16 21.21
C ASP B 60 -11.50 4.65 20.71
N ARG B 61 -11.56 3.60 19.90
CA ARG B 61 -12.86 3.06 19.48
C ARG B 61 -13.20 1.80 20.29
N ASN B 62 -12.35 1.46 21.29
CA ASN B 62 -12.27 0.18 21.99
C ASN B 62 -12.76 -0.96 21.09
N GLU B 63 -12.19 -1.00 19.87
CA GLU B 63 -12.44 -2.05 18.89
C GLU B 63 -11.08 -2.38 18.28
N PRO B 64 -10.85 -3.64 17.91
CA PRO B 64 -9.53 -4.01 17.42
C PRO B 64 -9.23 -3.28 16.11
N PHE B 65 -7.94 -3.03 15.82
CA PHE B 65 -7.50 -2.71 14.47
C PHE B 65 -7.18 -4.01 13.71
N VAL B 66 -7.76 -4.13 12.54
CA VAL B 66 -7.76 -5.37 11.77
C VAL B 66 -7.07 -5.00 10.45
N PHE B 67 -6.11 -5.83 9.99
CA PHE B 67 -5.57 -5.66 8.64
C PHE B 67 -4.97 -6.99 8.15
N SER B 68 -4.62 -7.00 6.85
CA SER B 68 -4.16 -8.23 6.18
C SER B 68 -2.66 -8.12 6.07
N LEU B 69 -1.98 -9.04 6.76
CA LEU B 69 -0.55 -8.97 6.95
C LEU B 69 0.22 -9.09 5.63
N GLY B 70 1.13 -8.13 5.47
CA GLY B 70 2.13 -8.12 4.44
C GLY B 70 1.55 -7.72 3.08
N LYS B 71 0.39 -7.02 3.04
CA LYS B 71 -0.18 -6.48 1.81
C LYS B 71 0.22 -4.98 1.74
N GLY B 72 1.03 -4.47 2.64
CA GLY B 72 1.24 -3.02 2.60
C GLY B 72 -0.04 -2.20 2.85
N GLN B 73 -0.99 -2.72 3.63
CA GLN B 73 -2.10 -1.92 4.13
C GLN B 73 -1.67 -1.12 5.37
N VAL B 74 -0.43 -1.33 5.86
CA VAL B 74 0.10 -0.56 6.98
C VAL B 74 1.52 -0.22 6.62
N ILE B 75 2.21 0.59 7.42
CA ILE B 75 3.59 0.92 7.10
C ILE B 75 4.41 -0.39 7.17
N LYS B 76 5.56 -0.38 6.48
CA LYS B 76 6.46 -1.52 6.33
C LYS B 76 6.84 -2.07 7.70
N ALA B 77 7.13 -1.19 8.69
CA ALA B 77 7.54 -1.66 10.01
C ALA B 77 6.47 -2.53 10.69
N TRP B 78 5.20 -2.29 10.38
CA TRP B 78 4.18 -3.15 10.95
C TRP B 78 4.13 -4.50 10.25
N ASP B 79 4.27 -4.51 8.93
CA ASP B 79 4.29 -5.76 8.21
C ASP B 79 5.46 -6.62 8.70
N ILE B 80 6.59 -5.97 8.99
CA ILE B 80 7.76 -6.63 9.57
C ILE B 80 7.49 -7.08 11.00
N GLY B 81 7.09 -6.15 11.88
CA GLY B 81 7.06 -6.37 13.32
C GLY B 81 5.96 -7.34 13.74
N VAL B 82 4.78 -7.07 13.24
CA VAL B 82 3.62 -7.87 13.59
C VAL B 82 3.82 -9.31 13.12
N ALA B 83 4.53 -9.53 12.01
CA ALA B 83 4.81 -10.90 11.58
C ALA B 83 5.70 -11.63 12.60
N THR B 84 6.40 -10.92 13.50
CA THR B 84 7.25 -11.64 14.46
C THR B 84 6.48 -12.02 15.72
N MET B 85 5.19 -11.70 15.80
CA MET B 85 4.57 -11.77 17.11
C MET B 85 3.70 -13.03 17.22
N LYS B 86 3.57 -13.50 18.47
CA LYS B 86 2.66 -14.58 18.81
C LYS B 86 1.36 -14.02 19.35
N LYS B 87 0.38 -14.91 19.40
CA LYS B 87 -0.93 -14.57 19.91
C LYS B 87 -0.84 -14.24 21.39
N GLY B 88 -1.43 -13.11 21.79
CA GLY B 88 -1.40 -12.71 23.19
C GLY B 88 -0.19 -11.86 23.54
N GLU B 89 0.81 -11.81 22.65
CA GLU B 89 2.01 -11.00 22.85
C GLU B 89 1.71 -9.49 22.82
N ILE B 90 2.48 -8.79 23.66
CA ILE B 90 2.57 -7.34 23.58
C ILE B 90 4.01 -6.95 23.34
N ALA B 91 4.24 -6.02 22.40
CA ALA B 91 5.58 -5.62 22.01
C ALA B 91 5.69 -4.11 21.83
N HIS B 92 6.90 -3.56 22.10
CA HIS B 92 7.24 -2.20 21.72
C HIS B 92 8.03 -2.21 20.41
N LEU B 93 7.66 -1.30 19.49
CA LEU B 93 8.46 -1.05 18.30
C LEU B 93 8.92 0.40 18.26
N LEU B 94 10.19 0.58 17.89
CA LEU B 94 10.68 1.91 17.53
C LEU B 94 11.16 1.88 16.07
N ILE B 95 10.75 2.88 15.28
CA ILE B 95 10.76 2.79 13.84
C ILE B 95 11.38 4.03 13.21
N LYS B 96 12.48 3.85 12.49
CA LYS B 96 13.03 4.94 11.71
C LYS B 96 12.12 5.28 10.52
N PRO B 97 12.28 6.52 9.98
CA PRO B 97 11.40 7.03 8.95
C PRO B 97 11.33 6.16 7.70
N GLU B 98 12.45 5.50 7.36
CA GLU B 98 12.56 4.70 6.15
C GLU B 98 11.61 3.50 6.22
N TYR B 99 11.20 3.04 7.42
CA TYR B 99 10.22 1.98 7.52
C TYR B 99 8.83 2.51 7.91
N ALA B 100 8.61 3.82 7.81
CA ALA B 100 7.31 4.40 8.19
C ALA B 100 6.83 5.34 7.08
N TYR B 101 6.94 6.67 7.28
CA TYR B 101 6.39 7.63 6.34
C TYR B 101 7.49 8.41 5.61
N GLY B 102 8.76 8.09 5.88
CA GLY B 102 9.86 8.53 5.03
C GLY B 102 10.14 10.02 5.05
N SER B 103 10.91 10.45 4.06
CA SER B 103 11.27 11.86 3.96
C SER B 103 10.05 12.69 3.56
N ALA B 104 9.07 12.06 2.93
CA ALA B 104 7.89 12.79 2.50
C ALA B 104 6.95 12.99 3.69
N GLY B 105 6.98 12.09 4.65
CA GLY B 105 6.01 12.13 5.73
C GLY B 105 4.61 11.86 5.21
N SER B 106 3.60 12.31 5.96
CA SER B 106 2.22 12.09 5.60
C SER B 106 1.49 13.23 6.25
N LEU B 107 1.80 14.40 5.76
CA LEU B 107 1.32 15.64 6.31
C LEU B 107 -0.15 15.85 6.02
N PRO B 108 -0.85 16.60 6.90
CA PRO B 108 -0.25 17.22 8.08
C PRO B 108 -0.01 16.30 9.29
N LYS B 109 -0.52 15.08 9.32
CA LYS B 109 -0.45 14.27 10.56
C LYS B 109 0.99 13.81 10.87
N ILE B 110 1.76 13.40 9.86
CA ILE B 110 3.09 12.88 10.11
C ILE B 110 4.08 13.80 9.43
N PRO B 111 5.03 14.40 10.17
CA PRO B 111 6.04 15.19 9.51
C PRO B 111 7.11 14.34 8.84
N SER B 112 7.89 15.09 8.08
CA SER B 112 9.02 14.62 7.35
C SER B 112 9.98 13.97 8.35
N ASN B 113 10.48 12.79 7.99
CA ASN B 113 11.58 12.15 8.66
C ASN B 113 11.22 11.83 10.12
N ALA B 114 10.01 11.32 10.35
CA ALA B 114 9.51 11.07 11.68
C ALA B 114 9.86 9.64 12.13
N THR B 115 10.44 9.56 13.32
CA THR B 115 10.50 8.32 14.07
C THR B 115 9.22 8.07 14.85
N LEU B 116 8.72 6.84 14.82
CA LEU B 116 7.47 6.41 15.43
C LEU B 116 7.77 5.36 16.49
N PHE B 117 6.90 5.33 17.49
CA PHE B 117 6.87 4.34 18.57
C PHE B 117 5.47 3.72 18.66
N PHE B 118 5.41 2.39 18.81
CA PHE B 118 4.13 1.73 19.04
C PHE B 118 4.24 0.74 20.18
N GLU B 119 3.13 0.60 20.90
CA GLU B 119 2.92 -0.56 21.72
C GLU B 119 1.78 -1.34 21.07
N ILE B 120 2.04 -2.64 20.78
CA ILE B 120 1.13 -3.48 20.03
C ILE B 120 0.79 -4.75 20.80
N GLU B 121 -0.50 -5.07 20.90
CA GLU B 121 -0.95 -6.34 21.40
C GLU B 121 -1.54 -7.14 20.25
N LEU B 122 -1.04 -8.37 20.06
CA LEU B 122 -1.60 -9.27 19.06
C LEU B 122 -2.69 -10.11 19.68
N LEU B 123 -3.93 -9.84 19.28
CA LEU B 123 -5.10 -10.45 19.88
C LEU B 123 -5.33 -11.82 19.25
N ASP B 124 -5.35 -11.82 17.91
CA ASP B 124 -5.62 -13.01 17.14
C ASP B 124 -5.15 -12.80 15.69
N PHE B 125 -5.00 -13.92 14.97
CA PHE B 125 -4.85 -13.93 13.52
C PHE B 125 -5.47 -15.21 12.96
N LYS B 126 -6.15 -15.06 11.82
CA LYS B 126 -6.89 -16.12 11.13
C LYS B 126 -6.35 -16.17 9.69
N GLY B 127 -6.41 -17.36 9.08
CA GLY B 127 -6.07 -17.56 7.68
C GLY B 127 -7.09 -16.90 6.76
N GLU B 128 -6.55 -16.36 5.67
CA GLU B 128 -7.33 -15.70 4.63
C GLU B 128 -8.55 -16.55 4.28
#